data_4ZAL
#
_entry.id   4ZAL
#
_cell.length_a   142.070
_cell.length_b   142.070
_cell.length_c   142.070
_cell.angle_alpha   90.00
_cell.angle_beta   90.00
_cell.angle_gamma   90.00
#
_symmetry.space_group_name_H-M   'F 2 3'
#
loop_
_entity.id
_entity.type
_entity.pdbx_description
1 polymer UbiX
2 non-polymer 'Dimethylallyl monophosphate'
3 non-polymer 1-DEOXY-1-(7,8-DIMETHYL-2,4-DIOXO-3,4-DIHYDRO-2H-BENZO[G]PTERIDIN-1-ID-10(5H)-YL)-5-O-PHOSPHONATO-D-RIBITOL
4 non-polymer 'THIOCYANATE ION'
5 water water
#
_entity_poly.entity_id   1
_entity_poly.type   'polypeptide(L)'
_entity_poly.pdbx_seq_one_letter_code
;MSGPERITLAMTGASGAQYGLRLLDCLVQEEREVHFLISKAAQLVMATQTDVALPAKPQAMQAFLTEYCGAAAGQIRVFG
QNDWMAPPASGSSAPNAMVICPCSTGTLSAVATGACNNLIERAADVALKERRPLVLVPREAPFSSIHLENMLKLSNLGAV
ILPAAPGFYHQPQSVEDLVDFVVARILNTLGIPQDMLPRWGEQHLVSDE
;
_entity_poly.pdbx_strand_id   A
#
loop_
_chem_comp.id
_chem_comp.type
_chem_comp.name
_chem_comp.formula
4LR non-polymer 'Dimethylallyl monophosphate' 'C5 H11 O4 P'
FNR non-polymer 1-DEOXY-1-(7,8-DIMETHYL-2,4-DIOXO-3,4-DIHYDRO-2H-BENZO[G]PTERIDIN-1-ID-10(5H)-YL)-5-O-PHOSPHONATO-D-RIBITOL 'C17 H23 N4 O9 P'
SCN non-polymer 'THIOCYANATE ION' 'C N S -1'
#
# COMPACT_ATOMS: atom_id res chain seq x y z
N MET A 1 7.34 14.04 -13.95
CA MET A 1 6.68 12.75 -13.53
C MET A 1 5.26 12.96 -12.98
N SER A 2 4.33 12.10 -13.38
CA SER A 2 3.01 12.23 -12.86
C SER A 2 2.95 11.38 -11.58
N GLY A 3 2.22 11.91 -10.63
CA GLY A 3 2.08 11.20 -9.39
C GLY A 3 3.12 11.56 -8.38
N PRO A 4 3.00 11.04 -7.18
CA PRO A 4 3.92 11.39 -6.13
C PRO A 4 5.35 10.84 -6.31
N GLU A 5 6.30 11.66 -5.94
CA GLU A 5 7.71 11.21 -5.86
C GLU A 5 7.99 10.24 -4.76
N ARG A 6 7.29 10.33 -3.62
N ARG A 6 7.25 10.33 -3.65
CA ARG A 6 7.53 9.47 -2.46
CA ARG A 6 7.47 9.49 -2.50
C ARG A 6 6.22 8.83 -1.97
C ARG A 6 6.17 8.79 -2.10
N ILE A 7 6.28 7.52 -1.75
CA ILE A 7 5.10 6.75 -1.26
C ILE A 7 5.53 6.12 0.05
N THR A 8 4.69 6.22 1.07
CA THR A 8 4.83 5.39 2.25
C THR A 8 4.02 4.13 2.04
N LEU A 9 4.66 2.97 1.98
CA LEU A 9 4.00 1.71 1.77
C LEU A 9 4.05 0.91 3.05
N ALA A 10 2.89 0.70 3.67
CA ALA A 10 2.79 -0.06 4.88
C ALA A 10 2.14 -1.35 4.59
N MET A 11 2.72 -2.43 5.06
CA MET A 11 2.12 -3.74 4.92
C MET A 11 1.68 -4.23 6.30
N THR A 12 0.39 -4.59 6.42
CA THR A 12 -0.19 -5.09 7.67
C THR A 12 -0.78 -6.51 7.46
N GLY A 13 -1.18 -7.10 8.55
CA GLY A 13 -1.41 -8.56 8.66
C GLY A 13 -2.63 -9.16 8.04
N ALA A 14 -3.05 -8.69 6.88
CA ALA A 14 -4.09 -9.38 6.11
C ALA A 14 -3.42 -10.33 5.09
N SER A 15 -4.16 -11.38 4.73
N SER A 15 -4.20 -11.27 4.59
CA SER A 15 -3.69 -12.42 3.81
CA SER A 15 -3.81 -12.08 3.44
C SER A 15 -3.60 -12.00 2.36
C SER A 15 -3.68 -11.17 2.25
N GLY A 16 -2.69 -11.06 2.08
N GLY A 16 -2.73 -11.49 1.38
CA GLY A 16 -2.50 -10.60 0.72
CA GLY A 16 -2.39 -10.66 0.22
C GLY A 16 -1.14 -9.98 0.44
C GLY A 16 -1.07 -9.94 0.37
N ALA A 17 -0.10 -10.54 1.05
CA ALA A 17 1.23 -10.01 0.93
C ALA A 17 1.72 -9.84 -0.53
N GLN A 18 1.23 -10.71 -1.42
CA GLN A 18 1.55 -10.61 -2.80
C GLN A 18 1.27 -9.24 -3.38
N TYR A 19 0.15 -8.61 -2.95
CA TYR A 19 -0.17 -7.34 -3.49
C TYR A 19 0.83 -6.23 -3.05
N GLY A 20 1.24 -6.22 -1.82
CA GLY A 20 2.21 -5.24 -1.34
C GLY A 20 3.63 -5.45 -1.93
N LEU A 21 4.01 -6.67 -2.16
CA LEU A 21 5.31 -6.92 -2.77
C LEU A 21 5.31 -6.51 -4.24
N ARG A 22 4.23 -6.82 -4.96
CA ARG A 22 4.12 -6.42 -6.29
C ARG A 22 4.05 -4.91 -6.47
N LEU A 23 3.28 -4.22 -5.60
CA LEU A 23 3.23 -2.80 -5.62
C LEU A 23 4.65 -2.15 -5.37
N LEU A 24 5.38 -2.71 -4.42
CA LEU A 24 6.70 -2.24 -4.04
C LEU A 24 7.56 -2.32 -5.30
N ASP A 25 7.49 -3.44 -5.96
CA ASP A 25 8.30 -3.62 -7.21
C ASP A 25 7.93 -2.65 -8.34
N CYS A 26 6.64 -2.44 -8.60
CA CYS A 26 6.17 -1.45 -9.55
C CYS A 26 6.60 -0.07 -9.15
N LEU A 27 6.48 0.28 -7.88
CA LEU A 27 6.89 1.63 -7.47
C LEU A 27 8.40 1.88 -7.72
N VAL A 28 9.19 0.90 -7.40
CA VAL A 28 10.67 0.95 -7.66
C VAL A 28 10.93 1.11 -9.16
N GLN A 29 10.22 0.38 -9.99
CA GLN A 29 10.43 0.49 -11.41
C GLN A 29 10.01 1.80 -11.97
N GLU A 30 9.07 2.52 -11.33
CA GLU A 30 8.72 3.84 -11.76
C GLU A 30 9.55 4.92 -11.09
N GLU A 31 10.67 4.53 -10.48
CA GLU A 31 11.71 5.36 -9.88
C GLU A 31 11.18 6.21 -8.77
N ARG A 32 10.20 5.67 -8.03
CA ARG A 32 9.77 6.38 -6.83
C ARG A 32 10.54 6.00 -5.62
N GLU A 33 10.51 6.91 -4.63
CA GLU A 33 11.12 6.70 -3.37
C GLU A 33 10.06 6.06 -2.46
N VAL A 34 10.41 4.96 -1.80
CA VAL A 34 9.39 4.21 -0.97
C VAL A 34 9.85 4.20 0.46
N HIS A 35 9.01 4.64 1.43
CA HIS A 35 9.25 4.52 2.82
C HIS A 35 8.47 3.29 3.29
N PHE A 36 9.13 2.20 3.56
CA PHE A 36 8.48 0.91 3.74
C PHE A 36 8.36 0.57 5.20
N LEU A 37 7.14 0.24 5.63
CA LEU A 37 6.80 -0.13 7.01
C LEU A 37 6.03 -1.49 6.97
N ILE A 38 6.27 -2.37 7.95
CA ILE A 38 5.64 -3.63 7.98
C ILE A 38 5.38 -4.02 9.43
N SER A 39 4.17 -4.52 9.72
CA SER A 39 3.81 -4.92 11.01
C SER A 39 4.32 -6.33 11.37
N LYS A 40 4.32 -6.60 12.67
CA LYS A 40 4.71 -7.94 13.12
C LYS A 40 3.82 -9.05 12.53
N ALA A 41 2.49 -8.84 12.54
CA ALA A 41 1.61 -9.80 11.90
C ALA A 41 1.85 -9.94 10.44
N ALA A 42 2.11 -8.85 9.70
CA ALA A 42 2.41 -8.92 8.30
C ALA A 42 3.72 -9.77 8.02
N GLN A 43 4.67 -9.67 8.93
CA GLN A 43 5.88 -10.53 8.81
C GLN A 43 5.50 -12.00 8.90
N LEU A 44 4.54 -12.36 9.76
CA LEU A 44 4.08 -13.79 9.86
C LEU A 44 3.33 -14.17 8.66
N VAL A 45 2.49 -13.28 8.09
CA VAL A 45 1.83 -13.59 6.86
C VAL A 45 2.84 -13.89 5.70
N MET A 46 3.82 -13.03 5.57
CA MET A 46 4.73 -13.14 4.43
C MET A 46 5.52 -14.49 4.56
N ALA A 47 5.87 -14.79 5.77
CA ALA A 47 6.65 -16.02 6.06
C ALA A 47 5.87 -17.22 5.70
N THR A 48 4.55 -17.22 5.91
CA THR A 48 3.70 -18.38 5.70
C THR A 48 2.94 -18.47 4.42
N GLN A 49 2.81 -17.43 3.65
CA GLN A 49 2.05 -17.50 2.43
C GLN A 49 2.84 -17.12 1.21
N THR A 50 4.13 -16.76 1.40
CA THR A 50 4.93 -16.46 0.25
C THR A 50 6.25 -17.24 0.40
N ASP A 51 6.97 -17.20 -0.69
CA ASP A 51 8.38 -17.66 -0.81
C ASP A 51 9.42 -16.63 -0.44
N VAL A 52 9.02 -15.49 0.10
CA VAL A 52 9.97 -14.41 0.35
C VAL A 52 10.47 -14.50 1.76
N ALA A 53 11.81 -14.58 1.92
CA ALA A 53 12.38 -14.73 3.24
C ALA A 53 12.88 -13.36 3.68
N LEU A 54 12.00 -12.66 4.37
CA LEU A 54 12.26 -11.32 4.69
C LEU A 54 12.95 -11.26 6.02
N PRO A 55 14.15 -10.60 6.09
CA PRO A 55 14.80 -10.45 7.37
C PRO A 55 14.00 -9.64 8.36
N ALA A 56 14.23 -9.84 9.66
CA ALA A 56 13.45 -9.19 10.72
C ALA A 56 13.77 -7.71 11.01
N LYS A 57 15.05 -7.36 11.01
CA LYS A 57 15.51 -6.04 11.47
C LYS A 57 15.51 -5.09 10.29
N PRO A 58 15.21 -3.79 10.56
CA PRO A 58 15.06 -2.81 9.47
C PRO A 58 16.24 -2.71 8.56
N GLN A 59 17.49 -2.66 9.04
N GLN A 59 17.44 -2.70 9.13
CA GLN A 59 18.59 -2.55 8.03
CA GLN A 59 18.62 -2.58 8.28
C GLN A 59 18.76 -3.79 7.15
C GLN A 59 18.79 -3.74 7.27
N ALA A 60 18.67 -4.99 7.74
CA ALA A 60 18.70 -6.21 6.89
C ALA A 60 17.52 -6.32 5.90
N MET A 61 16.38 -5.85 6.40
CA MET A 61 15.21 -5.75 5.53
C MET A 61 15.41 -4.83 4.31
N GLN A 62 16.01 -3.65 4.54
CA GLN A 62 16.23 -2.68 3.52
C GLN A 62 17.18 -3.22 2.46
N ALA A 63 18.25 -3.86 2.96
CA ALA A 63 19.16 -4.53 2.00
C ALA A 63 18.54 -5.61 1.16
N PHE A 64 17.74 -6.51 1.83
CA PHE A 64 16.97 -7.55 1.13
C PHE A 64 16.00 -7.02 0.05
N LEU A 65 15.17 -5.99 0.41
CA LEU A 65 14.22 -5.48 -0.53
C LEU A 65 14.85 -4.73 -1.73
N THR A 66 15.98 -4.06 -1.40
CA THR A 66 16.71 -3.32 -2.41
C THR A 66 17.20 -4.32 -3.48
N GLU A 67 17.74 -5.44 -3.02
CA GLU A 67 18.01 -6.56 -3.96
C GLU A 67 16.84 -7.16 -4.68
N TYR A 68 15.79 -7.55 -3.92
CA TYR A 68 14.60 -8.15 -4.47
C TYR A 68 14.02 -7.36 -5.55
N CYS A 69 13.99 -6.01 -5.44
CA CYS A 69 13.38 -5.19 -6.45
C CYS A 69 14.28 -4.54 -7.48
N GLY A 70 15.58 -4.74 -7.35
CA GLY A 70 16.43 -3.96 -8.22
C GLY A 70 16.43 -2.49 -7.96
N ALA A 71 16.34 -2.08 -6.68
CA ALA A 71 16.21 -0.66 -6.44
C ALA A 71 17.59 0.00 -6.42
N ALA A 72 17.62 1.31 -6.61
CA ALA A 72 18.82 2.13 -6.34
C ALA A 72 19.13 2.33 -4.86
N ALA A 73 20.39 2.66 -4.48
CA ALA A 73 20.70 2.79 -3.05
C ALA A 73 19.89 4.01 -2.51
N GLY A 74 19.36 3.78 -1.33
CA GLY A 74 18.48 4.73 -0.64
C GLY A 74 17.10 4.93 -1.28
N GLN A 75 16.74 4.21 -2.32
CA GLN A 75 15.44 4.34 -2.95
C GLN A 75 14.33 3.78 -2.00
N ILE A 76 14.64 2.73 -1.26
CA ILE A 76 13.70 2.11 -0.32
C ILE A 76 14.26 2.40 1.01
N ARG A 77 13.49 3.06 1.88
CA ARG A 77 13.85 3.29 3.26
C ARG A 77 12.98 2.36 4.09
N VAL A 78 13.52 1.77 5.11
CA VAL A 78 12.75 0.90 5.97
C VAL A 78 12.77 1.49 7.31
N PHE A 79 11.59 1.62 7.96
CA PHE A 79 11.52 2.12 9.32
C PHE A 79 10.78 1.16 10.25
N GLY A 80 11.23 1.03 11.50
CA GLY A 80 10.59 0.09 12.39
C GLY A 80 9.30 0.70 13.01
N GLN A 81 8.62 -0.11 13.81
CA GLN A 81 7.25 0.24 14.27
C GLN A 81 7.19 1.25 15.33
N ASN A 82 8.33 1.62 15.96
CA ASN A 82 8.36 2.70 16.93
C ASN A 82 9.36 3.77 16.61
N ASP A 83 9.70 3.91 15.33
CA ASP A 83 10.74 4.84 14.97
C ASP A 83 10.08 6.17 14.65
N TRP A 84 9.82 6.93 15.70
CA TRP A 84 9.24 8.22 15.61
C TRP A 84 10.10 9.29 14.94
N MET A 85 11.38 9.01 14.79
CA MET A 85 12.35 9.82 14.07
CA MET A 85 12.20 9.97 14.12
C MET A 85 12.14 9.83 12.56
N ALA A 86 11.36 8.86 12.04
CA ALA A 86 11.15 8.71 10.63
C ALA A 86 10.15 9.75 10.07
N PRO A 87 10.31 10.15 8.80
CA PRO A 87 9.46 11.19 8.20
C PRO A 87 7.93 11.01 8.41
N PRO A 88 7.44 9.77 8.24
CA PRO A 88 5.93 9.66 8.30
C PRO A 88 5.33 9.97 9.59
N ALA A 89 6.08 10.07 10.70
CA ALA A 89 5.55 10.36 11.98
C ALA A 89 5.06 11.81 12.20
N SER A 90 5.44 12.75 11.33
CA SER A 90 5.18 14.16 11.48
C SER A 90 4.65 14.76 10.19
N GLY A 91 3.72 15.66 10.39
CA GLY A 91 3.18 16.39 9.30
C GLY A 91 4.17 17.43 8.73
N SER A 92 5.26 17.68 9.45
CA SER A 92 6.27 18.59 8.97
C SER A 92 7.21 17.90 7.99
N SER A 93 7.08 16.61 7.81
CA SER A 93 7.80 15.91 6.80
C SER A 93 7.52 16.38 5.36
N ALA A 94 8.37 15.95 4.43
CA ALA A 94 8.08 16.15 3.02
C ALA A 94 6.83 15.36 2.62
N PRO A 95 6.03 15.92 1.70
CA PRO A 95 4.74 15.24 1.32
C PRO A 95 5.01 13.85 0.62
N ASN A 96 4.24 12.86 1.04
CA ASN A 96 4.23 11.65 0.31
CA ASN A 96 4.34 11.42 0.61
C ASN A 96 2.80 11.11 0.32
N ALA A 97 2.50 10.20 -0.59
CA ALA A 97 1.21 9.44 -0.61
C ALA A 97 1.39 8.23 0.25
N MET A 98 0.38 7.74 0.96
CA MET A 98 0.51 6.59 1.76
C MET A 98 -0.45 5.51 1.27
N VAL A 99 0.04 4.30 1.18
CA VAL A 99 -0.80 3.14 0.84
C VAL A 99 -0.57 2.09 1.94
N ILE A 100 -1.65 1.49 2.45
CA ILE A 100 -1.63 0.40 3.38
C ILE A 100 -2.15 -0.83 2.61
N CYS A 101 -1.22 -1.70 2.19
CA CYS A 101 -1.53 -2.76 1.27
C CYS A 101 -0.72 -4.03 1.63
N PRO A 102 -1.35 -5.07 2.15
CA PRO A 102 -2.78 -5.09 2.53
C PRO A 102 -3.03 -4.41 3.87
N CYS A 103 -4.31 -4.06 4.10
CA CYS A 103 -4.72 -3.37 5.32
C CYS A 103 -5.58 -4.32 6.14
N SER A 104 -5.11 -4.78 7.28
CA SER A 104 -5.89 -5.63 8.14
C SER A 104 -7.09 -4.91 8.70
N THR A 105 -8.04 -5.67 9.22
CA THR A 105 -9.23 -5.02 9.85
C THR A 105 -8.79 -4.27 11.09
N GLY A 106 -7.76 -4.73 11.81
CA GLY A 106 -7.25 -4.01 12.95
C GLY A 106 -6.61 -2.71 12.63
N THR A 107 -5.87 -2.63 11.53
CA THR A 107 -5.25 -1.39 11.10
C THR A 107 -6.34 -0.44 10.58
N LEU A 108 -7.29 -0.94 9.87
CA LEU A 108 -8.43 -0.12 9.43
C LEU A 108 -9.09 0.55 10.64
N SER A 109 -9.33 -0.25 11.68
CA SER A 109 -9.92 0.25 12.91
C SER A 109 -9.11 1.37 13.53
N ALA A 110 -7.81 1.10 13.69
CA ALA A 110 -6.93 2.11 14.30
C ALA A 110 -6.90 3.39 13.54
N VAL A 111 -6.90 3.32 12.24
CA VAL A 111 -6.87 4.55 11.39
C VAL A 111 -8.19 5.29 11.52
N ALA A 112 -9.30 4.57 11.53
CA ALA A 112 -10.61 5.20 11.65
C ALA A 112 -10.77 5.87 13.01
N THR A 113 -10.25 5.30 14.07
CA THR A 113 -10.43 5.84 15.44
C THR A 113 -9.32 6.81 15.86
N GLY A 114 -8.23 6.89 15.10
CA GLY A 114 -7.07 7.71 15.44
C GLY A 114 -6.10 7.12 16.46
N ALA A 115 -6.07 5.81 16.58
N ALA A 115 -6.15 5.81 16.60
CA ALA A 115 -5.29 5.15 17.73
CA ALA A 115 -5.25 5.13 17.57
C ALA A 115 -3.78 5.47 17.73
C ALA A 115 -3.92 5.27 16.86
N CYS A 116 -3.16 5.71 16.56
N CYS A 116 -2.93 5.62 17.62
CA CYS A 116 -1.72 5.97 16.56
CA CYS A 116 -1.70 5.94 16.94
C CYS A 116 -0.83 5.09 17.53
C CYS A 116 -0.73 5.06 17.64
N ASN A 117 -0.93 3.77 17.58
CA ASN A 117 -0.15 2.95 18.50
C ASN A 117 1.22 2.56 17.99
N ASN A 118 1.44 2.71 16.72
CA ASN A 118 2.72 2.39 16.10
C ASN A 118 2.92 3.32 14.93
N LEU A 119 4.04 3.18 14.22
CA LEU A 119 4.35 4.12 13.15
C LEU A 119 3.41 4.07 11.96
N ILE A 120 2.86 2.87 11.65
CA ILE A 120 1.90 2.81 10.52
C ILE A 120 0.64 3.62 10.90
N GLU A 121 0.14 3.40 12.09
CA GLU A 121 -1.09 4.09 12.45
C GLU A 121 -0.85 5.62 12.56
N ARG A 122 0.22 6.04 13.17
CA ARG A 122 0.51 7.44 13.24
C ARG A 122 0.73 8.03 11.85
N ALA A 123 1.41 7.30 10.94
CA ALA A 123 1.63 7.78 9.59
C ALA A 123 0.28 8.07 8.88
N ALA A 124 -0.68 7.13 9.07
CA ALA A 124 -1.99 7.35 8.44
C ALA A 124 -2.73 8.54 9.06
N ASP A 125 -2.58 8.71 10.37
CA ASP A 125 -3.18 9.85 11.12
C ASP A 125 -2.62 11.14 10.57
N VAL A 126 -1.30 11.14 10.28
CA VAL A 126 -0.70 12.34 9.70
C VAL A 126 -1.15 12.60 8.28
N ALA A 127 -1.28 11.55 7.45
CA ALA A 127 -1.76 11.72 6.08
C ALA A 127 -3.13 12.40 6.09
N LEU A 128 -3.98 11.96 7.00
CA LEU A 128 -5.32 12.52 7.11
C LEU A 128 -5.31 13.96 7.53
N LYS A 129 -4.52 14.30 8.55
CA LYS A 129 -4.52 15.69 9.02
C LYS A 129 -3.86 16.67 8.03
N GLU A 130 -2.94 16.14 7.21
CA GLU A 130 -2.29 16.91 6.17
C GLU A 130 -3.00 16.92 4.84
N ARG A 131 -4.08 16.14 4.67
N ARG A 131 -4.10 16.15 4.74
CA ARG A 131 -4.82 16.06 3.41
CA ARG A 131 -4.82 15.94 3.53
C ARG A 131 -3.98 15.40 2.29
C ARG A 131 -3.84 15.54 2.40
N ARG A 132 -3.06 14.53 2.71
CA ARG A 132 -2.20 13.79 1.80
C ARG A 132 -2.87 12.49 1.40
N PRO A 133 -2.57 11.94 0.22
CA PRO A 133 -3.25 10.72 -0.21
C PRO A 133 -3.11 9.60 0.76
N LEU A 134 -4.23 8.89 0.99
CA LEU A 134 -4.20 7.72 1.86
C LEU A 134 -5.09 6.64 1.21
N VAL A 135 -4.50 5.53 0.85
CA VAL A 135 -5.17 4.42 0.17
C VAL A 135 -5.08 3.22 1.07
N LEU A 136 -6.25 2.59 1.39
CA LEU A 136 -6.29 1.41 2.22
C LEU A 136 -6.78 0.26 1.35
N VAL A 137 -6.13 -0.91 1.47
CA VAL A 137 -6.43 -2.06 0.63
C VAL A 137 -6.82 -3.19 1.55
N PRO A 138 -8.10 -3.25 2.04
CA PRO A 138 -8.53 -4.32 2.91
C PRO A 138 -8.66 -5.67 2.16
N ARG A 139 -8.47 -6.73 2.91
N ARG A 139 -8.45 -6.72 2.90
CA ARG A 139 -8.63 -8.10 2.38
CA ARG A 139 -8.69 -8.10 2.35
C ARG A 139 -9.33 -8.89 3.48
C ARG A 139 -9.34 -8.88 3.47
N GLU A 140 -10.68 -8.98 3.41
CA GLU A 140 -11.44 -9.63 4.46
C GLU A 140 -12.76 -9.99 3.77
N ALA A 141 -13.37 -11.03 4.27
CA ALA A 141 -14.71 -11.43 3.81
C ALA A 141 -15.32 -12.41 4.82
N PRO A 142 -16.59 -12.28 5.19
CA PRO A 142 -17.44 -11.08 4.99
C PRO A 142 -16.82 -9.87 5.59
N PHE A 143 -17.30 -8.70 5.18
CA PHE A 143 -17.07 -7.44 5.91
C PHE A 143 -18.19 -7.30 6.93
N SER A 144 -17.91 -7.18 8.21
CA SER A 144 -18.96 -6.84 9.16
C SER A 144 -19.37 -5.36 9.15
N SER A 145 -20.45 -5.03 9.89
CA SER A 145 -20.79 -3.63 10.05
C SER A 145 -19.70 -2.82 10.73
N ILE A 146 -18.93 -3.45 11.65
CA ILE A 146 -17.78 -2.67 12.21
C ILE A 146 -16.78 -2.28 11.13
N HIS A 147 -16.41 -3.28 10.30
CA HIS A 147 -15.51 -2.93 9.18
C HIS A 147 -16.10 -1.85 8.26
N LEU A 148 -17.41 -2.01 7.90
CA LEU A 148 -17.98 -1.12 6.96
C LEU A 148 -18.10 0.30 7.49
N GLU A 149 -18.45 0.46 8.76
CA GLU A 149 -18.51 1.79 9.38
C GLU A 149 -17.18 2.46 9.38
N ASN A 150 -16.13 1.69 9.68
CA ASN A 150 -14.72 2.23 9.72
C ASN A 150 -14.31 2.66 8.29
N MET A 151 -14.65 1.83 7.27
CA MET A 151 -14.36 2.23 5.91
C MET A 151 -15.11 3.48 5.48
N LEU A 152 -16.39 3.54 5.81
CA LEU A 152 -17.21 4.70 5.42
C LEU A 152 -16.70 5.98 6.02
N LYS A 153 -16.38 5.94 7.32
CA LYS A 153 -15.84 7.12 8.01
C LYS A 153 -14.62 7.62 7.24
N LEU A 154 -13.69 6.71 6.94
CA LEU A 154 -12.47 7.11 6.25
C LEU A 154 -12.65 7.59 4.84
N SER A 155 -13.55 6.91 4.12
CA SER A 155 -13.95 7.36 2.75
C SER A 155 -14.53 8.78 2.77
N ASN A 156 -15.41 9.04 3.73
CA ASN A 156 -16.01 10.32 3.89
C ASN A 156 -14.98 11.39 4.14
N LEU A 157 -13.87 11.03 4.73
CA LEU A 157 -12.78 12.02 5.01
C LEU A 157 -11.75 12.08 3.94
N GLY A 158 -11.94 11.36 2.83
CA GLY A 158 -11.11 11.44 1.67
C GLY A 158 -10.12 10.33 1.44
N ALA A 159 -10.02 9.40 2.36
CA ALA A 159 -9.23 8.18 2.10
C ALA A 159 -9.83 7.39 1.00
N VAL A 160 -9.04 6.64 0.25
CA VAL A 160 -9.56 5.71 -0.75
C VAL A 160 -9.59 4.32 -0.29
N ILE A 161 -10.77 3.71 -0.24
CA ILE A 161 -10.93 2.32 0.25
C ILE A 161 -10.94 1.48 -1.03
N LEU A 162 -9.90 0.71 -1.25
CA LEU A 162 -9.67 -0.06 -2.46
C LEU A 162 -9.49 -1.51 -2.07
N PRO A 163 -10.59 -2.25 -1.98
CA PRO A 163 -10.51 -3.63 -1.57
C PRO A 163 -9.74 -4.49 -2.56
N ALA A 164 -9.11 -5.52 -2.04
CA ALA A 164 -8.35 -6.49 -2.87
C ALA A 164 -9.31 -7.44 -3.60
N ALA A 165 -10.09 -6.83 -4.50
CA ALA A 165 -11.17 -7.46 -5.23
C ALA A 165 -10.94 -7.38 -6.72
N PRO A 166 -10.08 -8.28 -7.23
CA PRO A 166 -9.74 -8.14 -8.67
C PRO A 166 -10.93 -8.42 -9.62
N GLY A 167 -10.93 -7.76 -10.78
CA GLY A 167 -11.86 -7.98 -11.83
C GLY A 167 -11.27 -8.95 -12.85
N PHE A 168 -12.15 -9.40 -13.70
CA PHE A 168 -11.85 -10.44 -14.71
C PHE A 168 -11.99 -9.91 -16.13
N TYR A 169 -12.11 -8.62 -16.30
CA TYR A 169 -12.36 -8.06 -17.61
C TYR A 169 -11.10 -7.89 -18.46
N HIS A 170 -9.94 -8.22 -17.97
CA HIS A 170 -8.72 -8.25 -18.82
C HIS A 170 -8.27 -9.78 -18.97
N GLN A 171 -9.21 -10.72 -18.83
N GLN A 171 -9.25 -10.67 -18.90
CA GLN A 171 -8.92 -12.15 -19.18
CA GLN A 171 -8.99 -12.10 -19.14
C GLN A 171 -7.76 -12.86 -18.39
C GLN A 171 -7.70 -12.56 -18.45
N PRO A 172 -7.74 -12.69 -17.10
CA PRO A 172 -6.64 -13.14 -16.35
C PRO A 172 -6.42 -14.64 -16.52
N GLN A 173 -5.17 -15.02 -16.60
CA GLN A 173 -4.77 -16.44 -16.79
C GLN A 173 -4.05 -17.03 -15.69
N SER A 174 -3.60 -16.21 -14.74
CA SER A 174 -2.82 -16.62 -13.61
C SER A 174 -3.15 -15.81 -12.33
N VAL A 175 -2.67 -16.33 -11.23
CA VAL A 175 -2.75 -15.60 -9.91
C VAL A 175 -2.03 -14.30 -10.05
N GLU A 176 -0.86 -14.29 -10.71
CA GLU A 176 -0.18 -13.04 -10.99
C GLU A 176 -0.95 -11.98 -11.76
N ASP A 177 -1.76 -12.36 -12.74
CA ASP A 177 -2.59 -11.46 -13.44
C ASP A 177 -3.67 -10.85 -12.48
N LEU A 178 -4.23 -11.64 -11.56
CA LEU A 178 -5.15 -11.02 -10.57
C LEU A 178 -4.48 -10.07 -9.61
N VAL A 179 -3.29 -10.42 -9.19
CA VAL A 179 -2.47 -9.52 -8.31
C VAL A 179 -2.18 -8.28 -9.07
N ASP A 180 -1.75 -8.37 -10.33
CA ASP A 180 -1.51 -7.14 -11.06
C ASP A 180 -2.68 -6.24 -11.36
N PHE A 181 -3.92 -6.80 -11.41
CA PHE A 181 -5.11 -5.99 -11.60
C PHE A 181 -5.22 -5.04 -10.41
N VAL A 182 -5.12 -5.59 -9.23
CA VAL A 182 -5.29 -4.78 -7.98
C VAL A 182 -4.17 -3.70 -7.88
N VAL A 183 -2.94 -4.14 -8.20
CA VAL A 183 -1.86 -3.22 -8.19
C VAL A 183 -2.02 -2.09 -9.18
N ALA A 184 -2.53 -2.40 -10.39
CA ALA A 184 -2.79 -1.43 -11.43
C ALA A 184 -3.83 -0.38 -10.97
N ARG A 185 -4.82 -0.87 -10.22
N ARG A 185 -4.80 -0.86 -10.21
CA ARG A 185 -5.86 0.03 -9.66
CA ARG A 185 -5.83 0.06 -9.69
C ARG A 185 -5.24 0.98 -8.66
C ARG A 185 -5.25 0.97 -8.65
N ILE A 186 -4.37 0.47 -7.81
CA ILE A 186 -3.69 1.34 -6.85
C ILE A 186 -2.85 2.41 -7.51
N LEU A 187 -2.06 2.00 -8.51
CA LEU A 187 -1.26 3.00 -9.21
C LEU A 187 -2.08 4.04 -9.95
N ASN A 188 -3.18 3.64 -10.55
N ASN A 188 -3.19 3.62 -10.55
CA ASN A 188 -4.09 4.57 -11.13
CA ASN A 188 -4.20 4.50 -11.13
C ASN A 188 -4.58 5.57 -10.04
C ASN A 188 -4.63 5.54 -10.07
N THR A 189 -4.94 5.06 -8.87
CA THR A 189 -5.47 5.93 -7.79
C THR A 189 -4.47 6.94 -7.42
N LEU A 190 -3.21 6.52 -7.40
CA LEU A 190 -2.09 7.42 -7.01
C LEU A 190 -1.65 8.37 -8.15
N GLY A 191 -2.07 8.09 -9.36
CA GLY A 191 -1.72 8.88 -10.52
C GLY A 191 -0.35 8.51 -11.10
N ILE A 192 0.05 7.26 -10.89
CA ILE A 192 1.36 6.76 -11.35
C ILE A 192 1.16 5.90 -12.55
N PRO A 193 2.05 6.07 -13.57
CA PRO A 193 1.80 5.29 -14.82
C PRO A 193 1.86 3.85 -14.66
N GLN A 194 0.97 3.14 -15.38
CA GLN A 194 1.04 1.66 -15.37
C GLN A 194 0.56 1.10 -16.71
N ASP A 195 1.12 -0.04 -17.10
N ASP A 195 1.15 -0.03 -17.11
CA ASP A 195 0.76 -0.71 -18.36
CA ASP A 195 0.81 -0.68 -18.38
C ASP A 195 0.37 -2.17 -18.16
C ASP A 195 0.07 -2.02 -18.22
N MET A 196 -0.10 -2.50 -16.99
CA MET A 196 -0.63 -3.81 -16.75
C MET A 196 -2.13 -3.91 -17.11
N LEU A 197 -2.89 -2.84 -16.86
CA LEU A 197 -4.34 -2.79 -17.17
C LEU A 197 -4.60 -1.63 -18.16
N PRO A 198 -5.01 -1.94 -19.42
CA PRO A 198 -5.33 -0.98 -20.45
C PRO A 198 -6.42 -0.02 -19.93
N ARG A 199 -6.49 1.12 -20.59
CA ARG A 199 -7.54 2.13 -20.31
C ARG A 199 -8.81 1.69 -20.97
N TRP A 200 -9.85 1.34 -20.21
CA TRP A 200 -11.09 0.84 -20.72
C TRP A 200 -11.69 1.71 -21.80
N GLY A 201 -12.06 1.12 -22.94
CA GLY A 201 -12.75 1.85 -23.97
C GLY A 201 -11.99 2.94 -24.76
N GLU A 202 -10.68 3.05 -24.58
N GLU A 202 -10.67 2.99 -24.58
CA GLU A 202 -9.96 4.21 -25.05
CA GLU A 202 -9.85 4.11 -25.01
C GLU A 202 -10.07 4.28 -26.57
C GLU A 202 -9.95 4.25 -26.53
N GLN A 203 -10.12 3.11 -27.20
CA GLN A 203 -10.34 3.06 -28.69
C GLN A 203 -11.75 2.99 -29.18
N HIS A 204 -12.76 3.05 -28.30
CA HIS A 204 -14.18 2.94 -28.72
C HIS A 204 -14.70 4.39 -29.05
N LEU A 205 -15.02 4.74 -30.31
CA LEU A 205 -15.42 6.16 -30.64
C LEU A 205 -16.93 6.39 -30.64
N VAL A 206 -17.66 5.30 -30.90
CA VAL A 206 -19.11 5.44 -30.99
C VAL A 206 -19.82 4.14 -30.82
N SER A 207 -21.04 4.26 -30.23
CA SER A 207 -21.92 3.19 -29.66
C SER A 207 -22.79 2.55 -30.75
OAD 4LR B . -13.82 0.46 -12.28
PAJ 4LR B . -14.33 -0.92 -12.46
OAE 4LR B . -15.58 -1.19 -11.49
OAC 4LR B . -13.35 -2.04 -12.18
OAH 4LR B . -14.93 -1.02 -13.95
CAG 4LR B . -15.60 -2.26 -14.29
CAF 4LR B . -16.64 -1.90 -15.34
CAI 4LR B . -16.44 -2.16 -16.78
CAB 4LR B . -15.18 -2.87 -17.25
CAA 4LR B . -17.50 -1.72 -17.77
C9A FNR C . -19.76 -3.92 -15.71
N10 FNR C . -20.23 -3.24 -14.56
CAA FNR C . -19.63 -3.49 -13.39
N1 FNR C . -20.28 -3.04 -12.23
C2 FNR C . -19.66 -3.28 -11.03
O2 FNR C . -20.27 -2.97 -9.96
N3 FNR C . -18.48 -3.99 -10.90
C4 FNR C . -17.86 -4.50 -12.07
O4 FNR C . -16.86 -5.22 -11.88
C4A FNR C . -18.46 -4.26 -13.29
N5 FNR C . -17.86 -4.83 -14.45
C5A FNR C . -18.60 -4.64 -15.58
C6 FNR C . -18.03 -5.29 -16.73
C7 FNR C . -18.70 -5.22 -17.91
C7M FNR C . -18.06 -5.92 -19.07
C8 FNR C . -19.89 -4.57 -18.00
C8M FNR C . -20.55 -4.45 -19.22
C9 FNR C . -20.50 -3.86 -16.91
C1' FNR C . -21.47 -2.42 -14.70
C2' FNR C . -22.85 -2.78 -14.54
O2' FNR C . -22.96 -4.00 -15.21
C3' FNR C . -23.81 -1.71 -14.74
O3' FNR C . -23.71 -0.60 -13.82
C4' FNR C . -25.22 -2.33 -14.73
O4' FNR C . -26.17 -1.25 -14.88
C5' FNR C . -25.52 -3.30 -13.60
O5' FNR C . -26.88 -3.75 -13.82
P FNR C . -27.34 -5.06 -13.09
O1P FNR C . -28.84 -5.17 -13.48
O2P FNR C . -26.59 -6.28 -13.55
O3P FNR C . -27.16 -4.77 -11.57
S SCN D . 14.69 7.29 -6.99
C SCN D . 15.14 7.73 -5.43
N SCN D . 15.53 8.11 -4.08
S SCN E . -6.44 12.23 2.73
C SCN E . -7.03 13.51 1.59
N SCN E . -7.46 14.48 0.76
#